data_5OFL
#
_entry.id   5OFL
#
_cell.length_a   185.830
_cell.length_b   185.830
_cell.length_c   56.320
_cell.angle_alpha   90.00
_cell.angle_beta   90.00
_cell.angle_gamma   90.00
#
_symmetry.space_group_name_H-M   'I 4 2 2'
#
loop_
_entity.id
_entity.type
_entity.pdbx_description
1 polymer 'Glycoside hydrolase family 48'
2 branched beta-D-glucopyranose-(1-4)-beta-D-glucopyranose-(1-4)-beta-D-glucopyranose-(1-4)-beta-D-glucopyranose-(1-4)-beta-D-glucopyranose-(1-4)-beta-D-glucopyranose
3 non-polymer (4S)-2-METHYL-2,4-PENTANEDIOL
4 non-polymer 'SULFATE ION'
5 water water
#
_entity_poly.entity_id   1
_entity_poly.type   'polypeptide(L)'
_entity_poly.pdbx_seq_one_letter_code
;DKMPDWNIPSLYESYKNDFRIGVAIPAKCLSNDTDRRMVLKHFNSITAENEMKPESLLAGQTSTGLNYRFSTADTFVDFA
NTNNIGIRGHTLVWHSQTPDWFFKDSSGQRLTKDALLARLKQYIYDVVGRYKGKVYAWDVVNQAIDENQSDGYRRSTWYE
ICGPEYIEKAFIWAHEADPNAKLFYNDYNTEISKKRDFIYNMVKNLKSKGIPIHGIGMQCHINVNWPSVSEIENSIKLFS
SIPGIEIHITQLDMSLYNYGSSENYSTPPQDLLQKQAQKYKELFTMLKKYTNVVKCVTFWGLKDDYSWLRSFNGKNDWPL
LLFEDYSAKPAYWAVIEAS
;
_entity_poly.pdbx_strand_id   A
#
# COMPACT_ATOMS: atom_id res chain seq x y z
N ASP A 1 15.74 25.51 -6.07
CA ASP A 1 14.58 26.30 -5.55
C ASP A 1 13.84 25.56 -4.44
N LYS A 2 14.53 24.66 -3.76
CA LYS A 2 13.89 23.82 -2.76
C LYS A 2 13.65 24.60 -1.48
N MET A 3 12.45 24.44 -0.91
CA MET A 3 12.01 25.23 0.23
CA MET A 3 12.01 25.23 0.23
C MET A 3 11.42 24.35 1.33
N PRO A 4 12.15 23.34 1.80
CA PRO A 4 11.65 22.53 2.92
C PRO A 4 11.64 23.39 4.16
N ASP A 5 10.59 23.25 4.99
CA ASP A 5 10.53 23.94 6.28
C ASP A 5 10.70 22.92 7.38
N TRP A 6 11.88 22.92 7.99
CA TRP A 6 12.21 21.96 9.03
C TRP A 6 11.49 22.21 10.34
N ASN A 7 10.75 23.31 10.47
CA ASN A 7 10.22 23.72 11.77
C ASN A 7 8.70 23.61 11.87
N ILE A 8 8.01 23.19 10.82
CA ILE A 8 6.55 23.07 10.92
C ILE A 8 6.19 21.73 11.59
N PRO A 9 4.96 21.57 12.05
CA PRO A 9 4.60 20.38 12.83
C PRO A 9 4.81 19.08 12.10
N SER A 10 5.35 18.10 12.82
CA SER A 10 5.55 16.77 12.30
C SER A 10 4.21 16.08 12.14
N LEU A 11 3.95 15.52 10.94
CA LEU A 11 2.71 14.81 10.72
C LEU A 11 2.50 13.69 11.74
N TYR A 12 3.47 12.77 11.83
CA TYR A 12 3.24 11.62 12.70
C TYR A 12 3.14 12.03 14.16
N GLU A 13 3.91 13.04 14.60
CA GLU A 13 3.78 13.50 15.99
C GLU A 13 2.40 14.09 16.23
N SER A 14 1.85 14.80 15.24
CA SER A 14 0.50 15.32 15.40
C SER A 14 -0.52 14.21 15.56
N TYR A 15 -0.22 13.00 15.09
CA TYR A 15 -1.17 11.90 15.16
C TYR A 15 -0.69 10.81 16.13
N LYS A 16 0.23 11.12 17.04
CA LYS A 16 0.91 10.08 17.81
C LYS A 16 -0.05 9.30 18.70
N ASN A 17 -1.15 9.89 19.12
CA ASN A 17 -2.12 9.14 19.89
C ASN A 17 -3.21 8.51 19.03
N ASP A 18 -3.09 8.53 17.70
CA ASP A 18 -4.16 8.05 16.83
C ASP A 18 -3.71 6.88 15.98
N PHE A 19 -2.67 7.06 15.19
CA PHE A 19 -2.16 6.02 14.31
C PHE A 19 -0.83 6.47 13.74
N ARG A 20 -0.05 5.50 13.27
CA ARG A 20 1.17 5.81 12.53
C ARG A 20 0.84 6.51 11.22
N ILE A 21 1.74 7.40 10.81
CA ILE A 21 1.64 8.12 9.54
C ILE A 21 2.86 7.71 8.72
N GLY A 22 2.60 7.12 7.55
CA GLY A 22 3.66 6.59 6.71
C GLY A 22 3.74 7.27 5.35
N VAL A 23 4.81 6.96 4.64
CA VAL A 23 5.03 7.46 3.29
C VAL A 23 5.68 6.37 2.45
N ALA A 24 5.22 6.24 1.21
CA ALA A 24 5.87 5.40 0.20
C ALA A 24 6.98 6.19 -0.46
N ILE A 25 8.17 5.60 -0.58
CA ILE A 25 9.29 6.26 -1.23
C ILE A 25 10.00 5.30 -2.15
N PRO A 26 10.56 5.82 -3.24
CA PRO A 26 11.49 5.04 -4.06
C PRO A 26 12.91 5.07 -3.51
N ALA A 27 13.75 4.19 -4.04
CA ALA A 27 15.09 4.04 -3.49
C ALA A 27 15.88 5.36 -3.51
N LYS A 28 15.69 6.16 -4.56
CA LYS A 28 16.46 7.39 -4.70
C LYS A 28 16.32 8.29 -3.48
N CYS A 29 15.15 8.29 -2.82
CA CYS A 29 15.00 9.08 -1.61
C CYS A 29 15.96 8.66 -0.51
N LEU A 30 16.39 7.41 -0.47
CA LEU A 30 17.27 7.00 0.61
C LEU A 30 18.68 7.58 0.45
N SER A 31 19.03 8.03 -0.74
CA SER A 31 20.34 8.61 -1.00
C SER A 31 20.30 10.13 -1.16
N ASN A 32 19.15 10.76 -0.89
CA ASN A 32 18.98 12.21 -0.96
C ASN A 32 18.84 12.76 0.46
N ASP A 33 19.72 13.68 0.85
CA ASP A 33 19.71 14.14 2.24
C ASP A 33 18.41 14.86 2.57
N THR A 34 17.89 15.67 1.64
CA THR A 34 16.66 16.39 1.90
C THR A 34 15.49 15.43 2.03
N ASP A 35 15.41 14.44 1.13
CA ASP A 35 14.34 13.46 1.20
C ASP A 35 14.41 12.68 2.50
N ARG A 36 15.60 12.22 2.87
CA ARG A 36 15.72 11.44 4.10
C ARG A 36 15.27 12.24 5.30
N ARG A 37 15.69 13.49 5.37
CA ARG A 37 15.36 14.29 6.55
C ARG A 37 13.87 14.56 6.59
N MET A 38 13.27 14.83 5.42
CA MET A 38 11.83 15.06 5.37
C MET A 38 11.06 13.81 5.77
N VAL A 39 11.48 12.63 5.27
CA VAL A 39 10.81 11.39 5.66
C VAL A 39 10.83 11.22 7.17
N LEU A 40 12.00 11.36 7.77
CA LEU A 40 12.14 11.09 9.20
C LEU A 40 11.52 12.17 10.08
N LYS A 41 11.39 13.39 9.57
CA LYS A 41 10.71 14.44 10.33
C LYS A 41 9.23 14.13 10.47
N HIS A 42 8.59 13.67 9.38
CA HIS A 42 7.15 13.62 9.30
C HIS A 42 6.55 12.25 9.40
N PHE A 43 7.32 11.18 9.17
CA PHE A 43 6.71 9.87 9.06
C PHE A 43 7.36 8.87 10.02
N ASN A 44 6.54 8.00 10.59
CA ASN A 44 7.11 6.92 11.42
C ASN A 44 6.80 5.55 10.82
N SER A 45 6.53 5.50 9.53
CA SER A 45 6.49 4.28 8.75
C SER A 45 6.85 4.62 7.31
N ILE A 46 7.49 3.67 6.63
CA ILE A 46 7.70 3.79 5.20
C ILE A 46 7.25 2.51 4.49
N THR A 47 6.98 2.66 3.22
CA THR A 47 6.73 1.55 2.33
C THR A 47 7.63 1.75 1.12
N ALA A 48 8.25 0.68 0.65
CA ALA A 48 9.02 0.77 -0.58
C ALA A 48 8.05 0.89 -1.73
N GLU A 49 8.18 1.94 -2.53
CA GLU A 49 7.16 2.19 -3.55
C GLU A 49 7.12 1.06 -4.57
N ASN A 50 8.29 0.56 -4.99
CA ASN A 50 8.36 -0.50 -6.00
C ASN A 50 9.37 -1.58 -5.68
N GLU A 51 10.28 -1.34 -4.77
CA GLU A 51 11.49 -2.14 -4.67
C GLU A 51 11.31 -3.43 -3.87
N MET A 52 10.15 -3.68 -3.28
CA MET A 52 9.87 -4.97 -2.65
C MET A 52 8.77 -5.76 -3.35
N LYS A 53 8.40 -5.35 -4.56
CA LYS A 53 7.47 -6.14 -5.37
C LYS A 53 8.18 -7.37 -5.90
N PRO A 54 7.43 -8.41 -6.32
CA PRO A 54 8.12 -9.63 -6.82
C PRO A 54 9.02 -9.37 -8.01
N GLU A 55 8.58 -8.55 -8.96
CA GLU A 55 9.42 -8.26 -10.11
C GLU A 55 10.73 -7.58 -9.70
N SER A 56 10.73 -6.87 -8.57
CA SER A 56 11.96 -6.23 -8.12
C SER A 56 12.85 -7.19 -7.36
N LEU A 57 12.29 -8.14 -6.62
CA LEU A 57 13.15 -9.02 -5.83
C LEU A 57 13.61 -10.24 -6.60
N LEU A 58 12.89 -10.63 -7.64
CA LEU A 58 13.23 -11.85 -8.38
C LEU A 58 14.28 -11.50 -9.42
N ALA A 59 15.34 -12.31 -9.46
CA ALA A 59 16.39 -12.19 -10.47
C ALA A 59 16.26 -13.23 -11.58
N GLY A 60 15.67 -14.38 -11.27
CA GLY A 60 15.53 -15.42 -12.27
C GLY A 60 15.28 -16.73 -11.59
N GLN A 61 15.51 -17.80 -12.34
CA GLN A 61 15.20 -19.13 -11.87
C GLN A 61 16.23 -20.08 -12.45
N THR A 62 16.40 -21.20 -11.77
CA THR A 62 17.17 -22.33 -12.28
C THR A 62 16.36 -23.60 -12.10
N SER A 63 17.01 -24.72 -12.44
CA SER A 63 16.40 -26.03 -12.30
C SER A 63 15.97 -26.31 -10.87
N THR A 64 16.57 -25.67 -9.87
CA THR A 64 16.26 -26.00 -8.49
C THR A 64 15.42 -24.95 -7.76
N GLY A 65 15.21 -23.77 -8.34
CA GLY A 65 14.33 -22.81 -7.71
C GLY A 65 14.65 -21.40 -8.13
N LEU A 66 14.23 -20.46 -7.28
CA LEU A 66 14.32 -19.04 -7.56
C LEU A 66 15.66 -18.43 -7.15
N ASN A 67 16.07 -17.41 -7.88
N ASN A 67 16.07 -17.40 -7.87
CA ASN A 67 17.17 -16.54 -7.52
CA ASN A 67 17.20 -16.56 -7.51
C ASN A 67 16.63 -15.15 -7.26
C ASN A 67 16.71 -15.14 -7.32
N TYR A 68 17.30 -14.43 -6.37
CA TYR A 68 16.79 -13.16 -5.89
C TYR A 68 17.85 -12.09 -6.05
N ARG A 69 17.41 -10.83 -5.96
CA ARG A 69 18.30 -9.67 -5.83
C ARG A 69 17.74 -8.83 -4.69
N PHE A 70 18.38 -8.87 -3.54
CA PHE A 70 17.88 -8.23 -2.32
C PHE A 70 18.60 -6.95 -1.93
N SER A 71 19.71 -6.61 -2.59
CA SER A 71 20.53 -5.47 -2.14
C SER A 71 19.71 -4.21 -1.91
N THR A 72 18.93 -3.79 -2.90
CA THR A 72 18.17 -2.55 -2.74
C THR A 72 17.10 -2.68 -1.65
N ALA A 73 16.38 -3.80 -1.60
CA ALA A 73 15.36 -3.95 -0.57
C ALA A 73 16.00 -3.93 0.81
N ASP A 74 17.17 -4.54 0.96
CA ASP A 74 17.88 -4.50 2.24
C ASP A 74 18.10 -3.06 2.68
N THR A 75 18.39 -2.15 1.73
CA THR A 75 18.64 -0.78 2.15
C THR A 75 17.38 -0.13 2.73
N PHE A 76 16.20 -0.52 2.25
CA PHE A 76 14.98 0.04 2.81
C PHE A 76 14.76 -0.48 4.23
N VAL A 77 14.89 -1.79 4.42
CA VAL A 77 14.62 -2.37 5.73
C VAL A 77 15.62 -1.86 6.74
N ASP A 78 16.89 -1.76 6.35
N ASP A 78 16.89 -1.76 6.35
CA ASP A 78 17.90 -1.24 7.26
CA ASP A 78 17.92 -1.24 7.25
C ASP A 78 17.63 0.22 7.61
C ASP A 78 17.65 0.22 7.60
N PHE A 79 17.22 1.02 6.62
CA PHE A 79 16.91 2.42 6.89
C PHE A 79 15.82 2.55 7.95
N ALA A 80 14.74 1.78 7.80
CA ALA A 80 13.66 1.86 8.77
C ALA A 80 14.11 1.37 10.14
N ASN A 81 14.75 0.20 10.17
CA ASN A 81 15.12 -0.41 11.45
C ASN A 81 16.12 0.47 12.21
N THR A 82 17.14 0.97 11.52
N THR A 82 17.13 0.98 11.53
CA THR A 82 18.12 1.79 12.22
CA THR A 82 18.13 1.77 12.23
C THR A 82 17.50 3.09 12.72
C THR A 82 17.61 3.15 12.60
N ASN A 83 16.50 3.61 12.01
CA ASN A 83 15.92 4.92 12.33
C ASN A 83 14.65 4.82 13.17
N ASN A 84 14.41 3.68 13.74
CA ASN A 84 13.32 3.48 14.71
C ASN A 84 11.97 3.81 14.07
N ILE A 85 11.77 3.40 12.82
CA ILE A 85 10.45 3.50 12.20
C ILE A 85 10.08 2.14 11.60
N GLY A 86 8.79 1.97 11.34
CA GLY A 86 8.36 0.72 10.74
C GLY A 86 8.51 0.75 9.22
N ILE A 87 8.58 -0.43 8.61
CA ILE A 87 8.45 -0.56 7.17
C ILE A 87 7.39 -1.62 6.89
N ARG A 88 6.41 -1.25 6.05
CA ARG A 88 5.40 -2.15 5.53
C ARG A 88 5.94 -2.79 4.26
N GLY A 89 5.76 -4.10 4.15
CA GLY A 89 6.25 -4.86 3.02
C GLY A 89 5.24 -4.86 1.89
N HIS A 90 5.62 -4.29 0.76
CA HIS A 90 4.74 -4.13 -0.42
C HIS A 90 5.46 -4.84 -1.57
N THR A 91 5.10 -6.08 -1.94
CA THR A 91 3.90 -6.90 -1.63
C THR A 91 4.31 -8.34 -1.99
N LEU A 92 3.77 -9.37 -1.32
CA LEU A 92 4.23 -10.74 -1.60
C LEU A 92 3.58 -11.34 -2.84
N VAL A 93 2.28 -11.13 -3.02
CA VAL A 93 1.52 -11.76 -4.10
C VAL A 93 0.74 -10.66 -4.84
N TRP A 94 1.07 -10.46 -6.12
CA TRP A 94 0.51 -9.37 -6.92
C TRP A 94 0.78 -9.72 -8.39
N HIS A 95 -0.25 -10.19 -9.08
CA HIS A 95 -0.03 -10.79 -10.40
C HIS A 95 0.66 -9.84 -11.37
N SER A 96 0.13 -8.62 -11.52
CA SER A 96 0.65 -7.75 -12.58
C SER A 96 2.08 -7.28 -12.31
N GLN A 97 2.56 -7.41 -11.09
CA GLN A 97 3.90 -6.97 -10.72
C GLN A 97 4.81 -8.15 -10.48
N THR A 98 4.55 -9.22 -11.21
CA THR A 98 5.32 -10.44 -11.14
C THR A 98 5.71 -10.80 -12.56
N PRO A 99 6.96 -11.19 -12.83
CA PRO A 99 7.34 -11.53 -14.21
C PRO A 99 6.66 -12.80 -14.69
N ASP A 100 6.44 -12.87 -16.00
CA ASP A 100 5.62 -13.93 -16.55
C ASP A 100 6.32 -15.29 -16.42
N TRP A 101 7.66 -15.31 -16.46
CA TRP A 101 8.40 -16.56 -16.31
C TRP A 101 8.19 -17.18 -14.94
N PHE A 102 7.73 -16.41 -13.96
CA PHE A 102 7.47 -16.96 -12.64
C PHE A 102 6.42 -18.06 -12.69
N PHE A 103 5.52 -17.99 -13.66
CA PHE A 103 4.38 -18.90 -13.73
C PHE A 103 4.63 -20.05 -14.68
N LYS A 104 5.89 -20.22 -15.09
CA LYS A 104 6.36 -21.29 -15.96
C LYS A 104 7.60 -21.92 -15.32
N ASP A 105 7.93 -23.16 -15.73
CA ASP A 105 9.14 -23.79 -15.17
C ASP A 105 10.37 -23.35 -15.98
N SER A 106 11.54 -23.85 -15.58
CA SER A 106 12.78 -23.43 -16.24
C SER A 106 12.86 -23.92 -17.68
N SER A 107 11.94 -24.79 -18.11
CA SER A 107 11.85 -25.21 -19.49
C SER A 107 10.82 -24.42 -20.30
N GLY A 108 10.38 -23.28 -19.78
CA GLY A 108 9.42 -22.46 -20.51
C GLY A 108 8.00 -22.95 -20.46
N GLN A 109 7.72 -24.00 -19.67
CA GLN A 109 6.40 -24.61 -19.57
C GLN A 109 5.59 -24.03 -18.41
N ARG A 110 4.31 -23.75 -18.68
CA ARG A 110 3.36 -23.29 -17.67
C ARG A 110 3.18 -24.29 -16.54
N LEU A 111 3.17 -23.77 -15.32
CA LEU A 111 3.20 -24.61 -14.13
C LEU A 111 1.83 -25.19 -13.82
N THR A 112 1.83 -26.44 -13.35
CA THR A 112 0.66 -27.04 -12.74
C THR A 112 0.34 -26.33 -11.44
N LYS A 113 -0.88 -26.53 -10.97
CA LYS A 113 -1.30 -25.96 -9.70
C LYS A 113 -0.35 -26.33 -8.57
N ASP A 114 0.02 -27.60 -8.47
CA ASP A 114 0.86 -28.01 -7.35
C ASP A 114 2.25 -27.41 -7.48
N ALA A 115 2.78 -27.31 -8.69
CA ALA A 115 4.12 -26.72 -8.86
C ALA A 115 4.11 -25.23 -8.58
N LEU A 116 3.03 -24.54 -8.95
CA LEU A 116 2.98 -23.10 -8.68
C LEU A 116 2.79 -22.83 -7.21
N LEU A 117 1.92 -23.59 -6.54
CA LEU A 117 1.80 -23.45 -5.09
C LEU A 117 3.11 -23.75 -4.38
N ALA A 118 3.86 -24.76 -4.85
CA ALA A 118 5.16 -25.03 -4.24
C ALA A 118 6.10 -23.85 -4.43
N ARG A 119 6.08 -23.25 -5.61
CA ARG A 119 6.89 -22.06 -5.87
C ARG A 119 6.47 -20.88 -5.00
N LEU A 120 5.17 -20.70 -4.80
CA LEU A 120 4.69 -19.64 -3.91
C LEU A 120 5.20 -19.83 -2.49
N LYS A 121 5.16 -21.06 -1.98
CA LYS A 121 5.70 -21.31 -0.66
C LYS A 121 7.18 -20.95 -0.59
N GLN A 122 7.94 -21.37 -1.59
CA GLN A 122 9.37 -21.06 -1.65
C GLN A 122 9.60 -19.54 -1.64
N TYR A 123 8.86 -18.81 -2.48
CA TYR A 123 9.03 -17.36 -2.54
C TYR A 123 8.76 -16.71 -1.19
N ILE A 124 7.62 -17.07 -0.58
CA ILE A 124 7.24 -16.44 0.68
C ILE A 124 8.23 -16.81 1.76
N TYR A 125 8.57 -18.09 1.87
CA TYR A 125 9.54 -18.49 2.88
C TYR A 125 10.86 -17.72 2.72
N ASP A 126 11.34 -17.57 1.48
CA ASP A 126 12.60 -16.87 1.25
C ASP A 126 12.53 -15.38 1.59
N VAL A 127 11.49 -14.69 1.09
CA VAL A 127 11.40 -13.23 1.26
C VAL A 127 11.00 -12.84 2.67
N VAL A 128 9.91 -13.43 3.18
CA VAL A 128 9.51 -13.12 4.55
C VAL A 128 10.58 -13.57 5.54
N GLY A 129 11.20 -14.72 5.25
CA GLY A 129 12.23 -15.24 6.14
C GLY A 129 13.43 -14.32 6.21
N ARG A 130 13.86 -13.78 5.07
CA ARG A 130 15.03 -12.89 5.11
C ARG A 130 14.80 -11.72 6.03
N TYR A 131 13.60 -11.19 6.03
CA TYR A 131 13.27 -9.98 6.78
C TYR A 131 12.53 -10.28 8.05
N LYS A 132 12.53 -11.53 8.48
CA LYS A 132 11.85 -11.96 9.70
C LYS A 132 12.18 -11.03 10.86
N GLY A 133 11.15 -10.56 11.54
CA GLY A 133 11.34 -9.66 12.66
C GLY A 133 11.57 -8.20 12.32
N LYS A 134 11.74 -7.86 11.04
CA LYS A 134 12.17 -6.51 10.65
C LYS A 134 11.12 -5.71 9.90
N VAL A 135 10.10 -6.37 9.38
CA VAL A 135 8.98 -5.79 8.65
C VAL A 135 7.75 -5.99 9.52
N TYR A 136 7.21 -4.91 10.08
CA TYR A 136 6.14 -5.09 11.04
C TYR A 136 4.84 -5.53 10.38
N ALA A 137 4.64 -5.17 9.11
CA ALA A 137 3.41 -5.50 8.39
C ALA A 137 3.72 -5.87 6.95
N TRP A 138 3.11 -6.95 6.46
CA TRP A 138 3.19 -7.34 5.05
C TRP A 138 1.82 -7.23 4.39
N ASP A 139 1.79 -6.61 3.20
CA ASP A 139 0.69 -6.84 2.26
C ASP A 139 0.98 -8.20 1.60
N VAL A 140 0.26 -9.22 2.06
CA VAL A 140 0.52 -10.57 1.62
C VAL A 140 -0.07 -10.77 0.23
N VAL A 141 -1.34 -10.42 0.06
CA VAL A 141 -2.04 -10.54 -1.20
C VAL A 141 -2.63 -9.21 -1.57
N ASN A 142 -2.43 -8.80 -2.82
CA ASN A 142 -2.89 -7.52 -3.34
C ASN A 142 -3.81 -7.74 -4.53
N GLN A 143 -5.00 -7.15 -4.47
CA GLN A 143 -5.85 -6.98 -5.65
C GLN A 143 -6.32 -8.32 -6.21
N ALA A 144 -6.83 -9.18 -5.34
CA ALA A 144 -7.32 -10.50 -5.74
C ALA A 144 -8.79 -10.48 -6.10
N ILE A 145 -9.45 -9.36 -5.89
CA ILE A 145 -10.89 -9.25 -6.00
C ILE A 145 -11.20 -8.45 -7.26
N ASP A 146 -12.17 -8.93 -8.03
CA ASP A 146 -12.63 -8.23 -9.25
C ASP A 146 -14.14 -8.29 -9.19
N GLU A 147 -14.78 -7.14 -8.90
CA GLU A 147 -16.21 -7.17 -8.61
C GLU A 147 -17.05 -7.41 -9.85
N ASN A 148 -16.48 -7.37 -11.05
CA ASN A 148 -17.28 -7.73 -12.21
C ASN A 148 -17.32 -9.23 -12.47
N GLN A 149 -16.60 -10.03 -11.69
CA GLN A 149 -16.72 -11.48 -11.75
C GLN A 149 -17.80 -11.95 -10.78
N SER A 150 -18.51 -13.00 -11.18
CA SER A 150 -19.66 -13.45 -10.40
C SER A 150 -19.25 -13.89 -9.02
N ASP A 151 -18.13 -14.58 -8.89
CA ASP A 151 -17.69 -15.02 -7.59
C ASP A 151 -16.73 -14.03 -6.93
N GLY A 152 -16.52 -12.86 -7.55
CA GLY A 152 -15.71 -11.81 -6.99
C GLY A 152 -14.20 -11.90 -7.20
N TYR A 153 -13.68 -13.00 -7.75
CA TYR A 153 -12.23 -13.22 -7.80
C TYR A 153 -11.67 -12.75 -9.14
N ARG A 154 -10.60 -11.97 -9.05
CA ARG A 154 -9.85 -11.58 -10.24
C ARG A 154 -9.27 -12.81 -10.93
N ARG A 155 -9.43 -12.84 -12.25
CA ARG A 155 -9.00 -13.97 -13.08
C ARG A 155 -7.53 -13.79 -13.53
N SER A 156 -6.68 -13.54 -12.56
CA SER A 156 -5.24 -13.53 -12.79
C SER A 156 -4.72 -14.95 -12.98
N THR A 157 -3.45 -15.05 -13.37
CA THR A 157 -2.84 -16.36 -13.54
C THR A 157 -2.88 -17.17 -12.25
N TRP A 158 -2.70 -16.50 -11.11
CA TRP A 158 -2.79 -17.16 -9.79
C TRP A 158 -4.10 -17.89 -9.66
N TYR A 159 -5.19 -17.22 -9.99
CA TYR A 159 -6.51 -17.80 -9.80
C TYR A 159 -6.76 -18.88 -10.84
N GLU A 160 -6.40 -18.59 -12.10
CA GLU A 160 -6.63 -19.52 -13.20
C GLU A 160 -5.91 -20.84 -12.96
N ILE A 161 -4.70 -20.81 -12.39
CA ILE A 161 -3.99 -22.06 -12.13
C ILE A 161 -4.39 -22.67 -10.80
N CYS A 162 -4.55 -21.86 -9.74
CA CYS A 162 -4.70 -22.42 -8.40
C CYS A 162 -6.11 -22.35 -7.86
N GLY A 163 -6.99 -21.58 -8.49
CA GLY A 163 -8.22 -21.22 -7.82
C GLY A 163 -7.92 -20.33 -6.63
N PRO A 164 -8.93 -20.04 -5.82
CA PRO A 164 -8.74 -19.06 -4.73
C PRO A 164 -7.87 -19.57 -3.58
N GLU A 165 -7.47 -20.84 -3.60
CA GLU A 165 -6.63 -21.40 -2.55
C GLU A 165 -5.29 -20.68 -2.41
N TYR A 166 -4.80 -20.02 -3.46
CA TYR A 166 -3.54 -19.32 -3.35
C TYR A 166 -3.61 -18.21 -2.30
N ILE A 167 -4.79 -17.61 -2.10
CA ILE A 167 -4.90 -16.51 -1.14
C ILE A 167 -4.66 -17.03 0.27
N GLU A 168 -5.45 -18.00 0.71
CA GLU A 168 -5.30 -18.49 2.07
C GLU A 168 -3.93 -19.11 2.28
N LYS A 169 -3.39 -19.81 1.29
CA LYS A 169 -2.07 -20.42 1.50
C LYS A 169 -0.99 -19.36 1.65
N ALA A 170 -1.14 -18.22 0.98
CA ALA A 170 -0.11 -17.17 1.11
C ALA A 170 -0.07 -16.66 2.54
N PHE A 171 -1.24 -16.52 3.18
CA PHE A 171 -1.25 -16.08 4.58
C PHE A 171 -0.66 -17.13 5.49
N ILE A 172 -1.04 -18.39 5.31
CA ILE A 172 -0.49 -19.46 6.13
C ILE A 172 1.03 -19.46 6.07
N TRP A 173 1.58 -19.40 4.87
CA TRP A 173 3.04 -19.52 4.73
C TRP A 173 3.76 -18.28 5.23
N ALA A 174 3.21 -17.09 4.97
CA ALA A 174 3.83 -15.88 5.51
C ALA A 174 3.86 -15.90 7.03
N HIS A 175 2.78 -16.39 7.66
CA HIS A 175 2.70 -16.44 9.12
C HIS A 175 3.67 -17.47 9.69
N GLU A 176 3.92 -18.56 8.97
CA GLU A 176 4.97 -19.50 9.38
C GLU A 176 6.35 -18.86 9.28
N ALA A 177 6.61 -18.11 8.22
CA ALA A 177 7.94 -17.54 7.99
C ALA A 177 8.25 -16.40 8.95
N ASP A 178 7.25 -15.62 9.38
CA ASP A 178 7.45 -14.60 10.42
C ASP A 178 6.20 -14.48 11.23
N PRO A 179 6.13 -15.22 12.35
CA PRO A 179 4.89 -15.26 13.15
C PRO A 179 4.52 -13.94 13.79
N ASN A 180 5.43 -12.97 13.86
CA ASN A 180 5.14 -11.69 14.51
C ASN A 180 4.70 -10.60 13.54
N ALA A 181 4.80 -10.82 12.24
CA ALA A 181 4.32 -9.83 11.28
C ALA A 181 2.79 -9.78 11.24
N LYS A 182 2.25 -8.58 11.08
CA LYS A 182 0.83 -8.38 10.79
C LYS A 182 0.59 -8.53 9.30
N LEU A 183 -0.35 -9.39 8.94
CA LEU A 183 -0.54 -9.79 7.56
C LEU A 183 -1.83 -9.21 7.00
N PHE A 184 -1.73 -8.51 5.86
CA PHE A 184 -2.84 -7.77 5.27
C PHE A 184 -3.25 -8.27 3.91
N TYR A 185 -4.56 -8.24 3.67
CA TYR A 185 -5.12 -8.24 2.34
C TYR A 185 -5.30 -6.80 1.90
N ASN A 186 -4.72 -6.44 0.74
CA ASN A 186 -4.66 -5.05 0.28
C ASN A 186 -5.45 -4.90 -1.02
N ASP A 187 -6.23 -3.83 -1.13
CA ASP A 187 -7.01 -3.63 -2.37
C ASP A 187 -7.40 -2.16 -2.52
N TYR A 188 -7.88 -1.83 -3.71
CA TYR A 188 -8.31 -0.47 -4.05
C TYR A 188 -9.80 -0.49 -4.40
N ASN A 189 -10.37 0.72 -4.51
CA ASN A 189 -11.81 0.87 -4.72
C ASN A 189 -12.64 0.04 -3.75
N THR A 190 -12.22 0.03 -2.51
CA THR A 190 -12.99 -0.68 -1.49
C THR A 190 -14.30 0.05 -1.14
N GLU A 191 -14.54 1.23 -1.72
N GLU A 191 -14.56 1.23 -1.71
CA GLU A 191 -15.77 1.98 -1.52
CA GLU A 191 -15.83 1.94 -1.49
C GLU A 191 -16.82 1.69 -2.59
C GLU A 191 -16.81 1.73 -2.62
N ILE A 192 -16.50 0.85 -3.57
CA ILE A 192 -17.52 0.35 -4.49
C ILE A 192 -18.24 -0.76 -3.74
N SER A 193 -19.55 -0.60 -3.53
CA SER A 193 -20.30 -1.47 -2.63
C SER A 193 -20.11 -2.94 -2.95
N LYS A 194 -20.21 -3.32 -4.22
CA LYS A 194 -20.11 -4.75 -4.55
C LYS A 194 -18.70 -5.27 -4.25
N LYS A 195 -17.66 -4.45 -4.51
CA LYS A 195 -16.30 -4.88 -4.19
C LYS A 195 -16.08 -4.95 -2.68
N ARG A 196 -16.55 -3.95 -1.96
CA ARG A 196 -16.50 -3.99 -0.51
C ARG A 196 -17.10 -5.28 0.05
N ASP A 197 -18.25 -5.68 -0.52
CA ASP A 197 -18.95 -6.86 -0.02
C ASP A 197 -18.16 -8.13 -0.31
N PHE A 198 -17.57 -8.23 -1.50
CA PHE A 198 -16.70 -9.36 -1.80
C PHE A 198 -15.49 -9.41 -0.85
N ILE A 199 -14.84 -8.26 -0.59
CA ILE A 199 -13.68 -8.24 0.30
C ILE A 199 -14.07 -8.63 1.72
N TYR A 200 -15.14 -8.02 2.22
CA TYR A 200 -15.65 -8.33 3.55
C TYR A 200 -15.91 -9.81 3.71
N ASN A 201 -16.65 -10.42 2.77
CA ASN A 201 -16.95 -11.83 2.96
C ASN A 201 -15.71 -12.70 2.84
N MET A 202 -14.82 -12.41 1.89
CA MET A 202 -13.59 -13.18 1.75
C MET A 202 -12.81 -13.19 3.06
N VAL A 203 -12.58 -12.00 3.61
CA VAL A 203 -11.75 -11.89 4.80
C VAL A 203 -12.46 -12.49 6.00
N LYS A 204 -13.77 -12.28 6.10
CA LYS A 204 -14.52 -12.87 7.20
C LYS A 204 -14.41 -14.38 7.17
N ASN A 205 -14.52 -14.96 5.99
CA ASN A 205 -14.50 -16.41 5.87
C ASN A 205 -13.11 -16.97 6.11
N LEU A 206 -12.06 -16.30 5.60
CA LEU A 206 -10.69 -16.67 5.94
C LEU A 206 -10.49 -16.69 7.44
N LYS A 207 -10.91 -15.61 8.08
CA LYS A 207 -10.67 -15.45 9.51
C LYS A 207 -11.44 -16.51 10.29
N SER A 208 -12.68 -16.76 9.90
N SER A 208 -12.71 -16.72 9.92
CA SER A 208 -13.50 -17.72 10.64
CA SER A 208 -13.53 -17.73 10.59
C SER A 208 -12.95 -19.13 10.56
C SER A 208 -12.81 -19.07 10.62
N LYS A 209 -12.20 -19.47 9.51
CA LYS A 209 -11.57 -20.78 9.43
C LYS A 209 -10.10 -20.77 9.88
N GLY A 210 -9.68 -19.76 10.63
CA GLY A 210 -8.39 -19.79 11.28
C GLY A 210 -7.22 -19.35 10.42
N ILE A 211 -7.48 -18.82 9.23
CA ILE A 211 -6.35 -18.31 8.42
C ILE A 211 -5.75 -17.10 9.13
N PRO A 212 -4.41 -17.01 9.23
CA PRO A 212 -3.83 -15.87 9.96
C PRO A 212 -3.75 -14.59 9.13
N ILE A 213 -4.92 -14.03 8.82
CA ILE A 213 -5.02 -12.68 8.28
C ILE A 213 -5.34 -11.74 9.44
N HIS A 214 -4.60 -10.65 9.54
CA HIS A 214 -4.75 -9.71 10.66
C HIS A 214 -5.33 -8.39 10.27
N GLY A 215 -5.41 -8.07 8.98
CA GLY A 215 -5.85 -6.75 8.62
C GLY A 215 -6.23 -6.63 7.16
N ILE A 216 -7.02 -5.59 6.88
CA ILE A 216 -7.34 -5.16 5.53
C ILE A 216 -6.61 -3.86 5.27
N GLY A 217 -5.92 -3.80 4.13
CA GLY A 217 -5.34 -2.56 3.65
C GLY A 217 -6.28 -1.95 2.63
N MET A 218 -6.71 -0.74 2.91
CA MET A 218 -7.52 0.06 2.00
C MET A 218 -6.57 1.03 1.33
N GLN A 219 -6.33 0.85 0.04
CA GLN A 219 -5.34 1.69 -0.64
C GLN A 219 -5.71 3.17 -0.59
N CYS A 220 -7.00 3.48 -0.82
N CYS A 220 -6.98 3.49 -0.87
CA CYS A 220 -7.52 4.85 -0.80
CA CYS A 220 -7.45 4.86 -0.75
C CYS A 220 -6.78 5.74 -1.81
C CYS A 220 -6.84 5.77 -1.82
N HIS A 221 -6.65 5.23 -3.03
CA HIS A 221 -6.32 6.06 -4.19
C HIS A 221 -7.62 6.76 -4.58
N ILE A 222 -7.80 8.00 -4.15
CA ILE A 222 -9.07 8.70 -4.31
C ILE A 222 -8.85 9.98 -5.10
N ASN A 223 -9.90 10.78 -5.29
CA ASN A 223 -9.73 12.07 -5.93
C ASN A 223 -10.66 13.08 -5.25
N VAL A 224 -10.58 14.33 -5.67
CA VAL A 224 -11.33 15.38 -4.98
C VAL A 224 -12.84 15.24 -5.12
N ASN A 225 -13.32 14.42 -6.06
CA ASN A 225 -14.74 14.29 -6.33
C ASN A 225 -15.36 12.98 -5.87
N TRP A 226 -14.56 11.92 -5.66
CA TRP A 226 -15.07 10.59 -5.37
C TRP A 226 -13.97 9.77 -4.69
N PRO A 227 -14.32 8.86 -3.77
CA PRO A 227 -15.60 8.61 -3.13
C PRO A 227 -15.80 9.63 -2.04
N SER A 228 -16.99 9.69 -1.46
CA SER A 228 -17.21 10.56 -0.32
C SER A 228 -16.54 9.96 0.92
N VAL A 229 -16.26 10.84 1.87
CA VAL A 229 -15.67 10.37 3.12
C VAL A 229 -16.63 9.44 3.81
N SER A 230 -17.94 9.69 3.67
CA SER A 230 -18.96 8.79 4.22
CA SER A 230 -18.95 8.78 4.22
C SER A 230 -18.83 7.39 3.65
N GLU A 231 -18.55 7.26 2.35
CA GLU A 231 -18.41 5.93 1.75
C GLU A 231 -17.17 5.21 2.28
N ILE A 232 -16.07 5.96 2.46
CA ILE A 232 -14.87 5.36 3.05
C ILE A 232 -15.17 4.88 4.45
N GLU A 233 -15.91 5.69 5.21
CA GLU A 233 -16.31 5.33 6.56
C GLU A 233 -17.14 4.06 6.57
N ASN A 234 -18.07 3.93 5.62
CA ASN A 234 -18.91 2.73 5.56
C ASN A 234 -18.04 1.48 5.37
N SER A 235 -16.99 1.58 4.58
CA SER A 235 -16.06 0.46 4.42
C SER A 235 -15.35 0.15 5.72
N ILE A 236 -14.86 1.18 6.40
CA ILE A 236 -14.21 0.95 7.68
C ILE A 236 -15.17 0.30 8.67
N LYS A 237 -16.42 0.77 8.71
CA LYS A 237 -17.38 0.19 9.65
C LYS A 237 -17.62 -1.28 9.35
N LEU A 238 -17.81 -1.63 8.08
CA LEU A 238 -18.08 -3.03 7.79
C LEU A 238 -16.85 -3.90 8.02
N PHE A 239 -15.69 -3.49 7.50
CA PHE A 239 -14.48 -4.30 7.67
C PHE A 239 -14.13 -4.46 9.14
N SER A 240 -14.27 -3.41 9.93
CA SER A 240 -13.90 -3.50 11.33
C SER A 240 -14.92 -4.26 12.16
N SER A 241 -16.03 -4.69 11.57
CA SER A 241 -16.95 -5.55 12.30
C SER A 241 -16.46 -6.98 12.38
N ILE A 242 -15.45 -7.34 11.58
CA ILE A 242 -14.85 -8.66 11.65
C ILE A 242 -13.94 -8.72 12.87
N PRO A 243 -14.17 -9.61 13.85
CA PRO A 243 -13.28 -9.66 15.02
C PRO A 243 -11.83 -9.98 14.63
N GLY A 244 -10.90 -9.23 15.23
CA GLY A 244 -9.49 -9.49 15.02
C GLY A 244 -8.90 -8.87 13.76
N ILE A 245 -9.66 -8.03 13.06
CA ILE A 245 -9.20 -7.41 11.82
C ILE A 245 -8.94 -5.93 12.09
N GLU A 246 -7.71 -5.50 11.84
CA GLU A 246 -7.39 -4.09 11.87
C GLU A 246 -7.36 -3.53 10.45
N ILE A 247 -7.21 -2.22 10.35
CA ILE A 247 -7.21 -1.54 9.07
C ILE A 247 -5.95 -0.69 8.97
N HIS A 248 -5.27 -0.79 7.84
CA HIS A 248 -4.27 0.19 7.43
C HIS A 248 -4.80 0.90 6.20
N ILE A 249 -4.61 2.21 6.15
CA ILE A 249 -4.84 2.98 4.94
C ILE A 249 -3.47 3.01 4.27
N THR A 250 -3.33 2.31 3.14
CA THR A 250 -1.98 1.94 2.71
C THR A 250 -1.37 2.80 1.60
N GLN A 251 -2.17 3.46 0.76
CA GLN A 251 -1.61 4.14 -0.42
C GLN A 251 -2.41 5.41 -0.69
N LEU A 252 -2.66 6.19 0.36
CA LEU A 252 -3.53 7.36 0.25
C LEU A 252 -2.93 8.43 -0.65
N ASP A 253 -3.73 8.89 -1.60
CA ASP A 253 -3.43 10.09 -2.36
C ASP A 253 -4.74 10.58 -2.96
N MET A 254 -4.74 11.81 -3.45
CA MET A 254 -6.00 12.45 -3.85
C MET A 254 -5.76 13.27 -5.10
N SER A 255 -6.04 12.66 -6.23
CA SER A 255 -5.90 13.31 -7.52
C SER A 255 -6.80 14.53 -7.59
N LEU A 256 -6.33 15.56 -8.30
CA LEU A 256 -7.19 16.72 -8.55
C LEU A 256 -8.16 16.49 -9.69
N TYR A 257 -8.05 15.38 -10.40
CA TYR A 257 -8.89 15.09 -11.55
C TYR A 257 -9.92 14.01 -11.25
N ASN A 258 -11.05 14.07 -11.98
CA ASN A 258 -11.90 12.89 -12.11
C ASN A 258 -11.20 11.80 -12.91
N TYR A 259 -11.47 10.56 -12.55
CA TYR A 259 -10.88 9.44 -13.26
C TYR A 259 -11.48 9.38 -14.66
N GLY A 260 -10.64 9.22 -15.68
CA GLY A 260 -11.12 9.24 -17.05
C GLY A 260 -11.39 10.62 -17.63
N SER A 261 -11.06 11.69 -16.93
CA SER A 261 -11.25 13.05 -17.42
C SER A 261 -10.10 13.48 -18.32
N SER A 262 -10.42 14.28 -19.34
CA SER A 262 -9.37 14.80 -20.22
C SER A 262 -8.89 16.18 -19.82
N GLU A 263 -9.29 16.65 -18.65
CA GLU A 263 -8.68 17.87 -18.13
C GLU A 263 -7.18 17.64 -17.92
N ASN A 264 -6.40 18.68 -18.14
CA ASN A 264 -4.95 18.61 -18.09
C ASN A 264 -4.46 20.01 -17.72
N TYR A 265 -4.03 20.19 -16.47
CA TYR A 265 -3.58 21.50 -15.99
C TYR A 265 -2.05 21.58 -15.97
N SER A 266 -1.53 22.75 -16.32
N SER A 266 -1.53 22.75 -16.32
CA SER A 266 -0.09 23.00 -16.23
CA SER A 266 -0.08 22.96 -16.21
C SER A 266 0.32 23.40 -14.81
C SER A 266 0.32 23.40 -14.80
N THR A 267 -0.57 24.07 -14.08
CA THR A 267 -0.36 24.45 -12.70
C THR A 267 -1.59 24.07 -11.91
N PRO A 268 -1.45 23.80 -10.63
CA PRO A 268 -2.59 23.33 -9.86
C PRO A 268 -3.61 24.45 -9.67
N PRO A 269 -4.87 24.26 -10.08
CA PRO A 269 -5.89 25.28 -9.80
C PRO A 269 -6.13 25.44 -8.31
N GLN A 270 -6.11 26.69 -7.85
CA GLN A 270 -6.19 26.93 -6.41
C GLN A 270 -7.50 26.42 -5.84
N ASP A 271 -8.60 26.50 -6.59
CA ASP A 271 -9.85 26.04 -6.02
C ASP A 271 -9.86 24.53 -5.81
N LEU A 272 -9.17 23.77 -6.68
CA LEU A 272 -9.05 22.32 -6.47
C LEU A 272 -8.10 21.99 -5.33
N LEU A 273 -7.04 22.78 -5.16
CA LEU A 273 -6.20 22.63 -3.99
C LEU A 273 -6.97 22.86 -2.71
N GLN A 274 -7.95 23.78 -2.73
CA GLN A 274 -8.77 24.02 -1.55
C GLN A 274 -9.76 22.90 -1.33
N LYS A 275 -10.33 22.39 -2.42
CA LYS A 275 -11.22 21.24 -2.30
C LYS A 275 -10.47 20.01 -1.76
N GLN A 276 -9.24 19.79 -2.26
CA GLN A 276 -8.38 18.74 -1.73
C GLN A 276 -8.17 18.92 -0.22
N ALA A 277 -7.80 20.13 0.22
CA ALA A 277 -7.55 20.37 1.64
C ALA A 277 -8.78 20.10 2.48
N GLN A 278 -9.95 20.56 2.03
CA GLN A 278 -11.13 20.35 2.84
C GLN A 278 -11.47 18.87 2.94
N LYS A 279 -11.27 18.12 1.85
CA LYS A 279 -11.57 16.69 1.89
C LYS A 279 -10.55 15.91 2.72
N TYR A 280 -9.28 16.32 2.67
CA TYR A 280 -8.31 15.68 3.57
C TYR A 280 -8.64 15.99 5.03
N LYS A 281 -9.09 17.21 5.33
CA LYS A 281 -9.51 17.52 6.69
C LYS A 281 -10.67 16.62 7.14
N GLU A 282 -11.71 16.51 6.31
CA GLU A 282 -12.83 15.63 6.62
C GLU A 282 -12.40 14.18 6.77
N LEU A 283 -11.53 13.71 5.88
CA LEU A 283 -11.08 12.32 5.93
C LEU A 283 -10.43 12.03 7.27
N PHE A 284 -9.50 12.88 7.69
CA PHE A 284 -8.76 12.60 8.90
C PHE A 284 -9.58 12.82 10.16
N THR A 285 -10.56 13.72 10.11
CA THR A 285 -11.52 13.84 11.21
C THR A 285 -12.28 12.55 11.36
N MET A 286 -12.68 11.96 10.25
CA MET A 286 -13.40 10.69 10.29
C MET A 286 -12.50 9.56 10.79
N LEU A 287 -11.26 9.45 10.28
CA LEU A 287 -10.37 8.35 10.67
C LEU A 287 -10.09 8.37 12.18
N LYS A 288 -10.06 9.55 12.78
CA LYS A 288 -9.80 9.69 14.21
C LYS A 288 -10.92 9.11 15.06
N LYS A 289 -12.09 8.88 14.48
CA LYS A 289 -13.15 8.17 15.20
C LYS A 289 -12.90 6.68 15.31
N TYR A 290 -11.93 6.15 14.56
CA TYR A 290 -11.75 4.71 14.43
C TYR A 290 -10.32 4.31 14.79
N THR A 291 -9.70 5.03 15.73
CA THR A 291 -8.34 4.69 16.10
C THR A 291 -8.24 3.33 16.78
N ASN A 292 -9.36 2.77 17.24
CA ASN A 292 -9.37 1.40 17.75
C ASN A 292 -9.02 0.38 16.65
N VAL A 293 -9.30 0.69 15.38
CA VAL A 293 -9.09 -0.30 14.32
C VAL A 293 -8.12 0.22 13.25
N VAL A 294 -8.13 1.51 12.97
CA VAL A 294 -7.20 2.08 11.98
C VAL A 294 -5.88 2.36 12.68
N LYS A 295 -4.82 1.62 12.31
CA LYS A 295 -3.56 1.72 13.05
C LYS A 295 -2.44 2.41 12.29
N CYS A 296 -2.60 2.62 11.00
CA CYS A 296 -1.55 3.22 10.20
C CYS A 296 -2.18 3.81 8.95
N VAL A 297 -1.75 5.01 8.58
CA VAL A 297 -2.20 5.73 7.38
C VAL A 297 -0.95 6.13 6.61
N THR A 298 -0.79 5.58 5.41
CA THR A 298 0.37 5.81 4.58
C THR A 298 -0.03 6.63 3.35
N PHE A 299 0.74 7.69 3.06
CA PHE A 299 0.59 8.48 1.85
C PHE A 299 1.45 7.90 0.72
N TRP A 300 0.89 7.83 -0.48
CA TRP A 300 1.62 7.18 -1.58
C TRP A 300 2.48 8.20 -2.32
N GLY A 301 3.47 8.71 -1.59
CA GLY A 301 4.39 9.68 -2.11
C GLY A 301 4.73 10.80 -1.14
N LEU A 302 5.96 11.29 -1.23
CA LEU A 302 6.45 12.33 -0.34
C LEU A 302 5.99 13.71 -0.79
N LYS A 303 6.00 13.98 -2.08
CA LYS A 303 5.62 15.27 -2.63
C LYS A 303 5.14 15.10 -4.05
N ASP A 304 4.47 16.14 -4.56
CA ASP A 304 3.58 15.97 -5.71
C ASP A 304 4.29 15.48 -6.97
N ASP A 305 5.50 15.98 -7.23
CA ASP A 305 6.16 15.53 -8.46
C ASP A 305 6.74 14.13 -8.33
N TYR A 306 6.70 13.53 -7.14
CA TYR A 306 7.04 12.12 -7.00
C TYR A 306 5.86 11.19 -7.21
N SER A 307 4.66 11.72 -7.42
CA SER A 307 3.47 10.89 -7.48
C SER A 307 3.49 9.98 -8.70
N TRP A 308 3.19 8.70 -8.48
CA TRP A 308 2.99 7.75 -9.58
C TRP A 308 1.95 8.23 -10.57
N LEU A 309 1.04 9.09 -10.15
CA LEU A 309 -0.07 9.48 -10.99
C LEU A 309 0.40 10.23 -12.23
N ARG A 310 1.55 10.91 -12.16
CA ARG A 310 1.97 11.72 -13.29
C ARG A 310 2.34 10.85 -14.47
N SER A 311 3.16 9.82 -14.23
CA SER A 311 3.48 8.87 -15.28
CA SER A 311 3.49 8.87 -15.28
C SER A 311 2.27 8.05 -15.69
N PHE A 312 1.47 7.63 -14.72
CA PHE A 312 0.36 6.75 -14.98
C PHE A 312 -0.63 7.36 -15.97
N ASN A 313 -0.97 8.62 -15.77
CA ASN A 313 -1.96 9.30 -16.62
C ASN A 313 -1.31 10.21 -17.65
N GLY A 314 -0.02 10.44 -17.58
CA GLY A 314 0.63 11.26 -18.57
C GLY A 314 0.30 12.71 -18.46
N LYS A 315 0.10 13.20 -17.25
CA LYS A 315 -0.12 14.62 -17.05
C LYS A 315 0.28 14.99 -15.62
N ASN A 316 0.46 16.26 -15.39
CA ASN A 316 0.76 16.76 -14.06
C ASN A 316 -0.44 16.52 -13.13
N ASP A 317 -0.13 16.29 -11.87
CA ASP A 317 -1.16 16.12 -10.85
C ASP A 317 -0.52 16.50 -9.52
N TRP A 318 -1.36 16.81 -8.53
CA TRP A 318 -0.89 17.33 -7.26
C TRP A 318 -1.64 16.63 -6.14
N PRO A 319 -1.32 15.36 -5.87
CA PRO A 319 -2.21 14.52 -5.06
C PRO A 319 -1.87 14.42 -3.58
N LEU A 320 -0.76 15.03 -3.15
CA LEU A 320 -0.16 14.71 -1.87
C LEU A 320 -0.09 15.95 -0.98
N LEU A 321 0.81 15.98 0.02
CA LEU A 321 0.76 17.04 1.02
C LEU A 321 1.82 18.11 0.84
N LEU A 322 2.89 17.82 0.09
CA LEU A 322 3.94 18.78 -0.18
C LEU A 322 4.02 19.02 -1.68
N PHE A 323 4.28 20.27 -2.05
CA PHE A 323 4.55 20.68 -3.42
C PHE A 323 5.93 20.21 -3.87
N GLU A 324 6.19 20.40 -5.16
CA GLU A 324 7.46 20.01 -5.79
C GLU A 324 8.70 20.59 -5.09
N ASP A 325 8.60 21.77 -4.49
CA ASP A 325 9.74 22.40 -3.84
C ASP A 325 9.82 22.05 -2.35
N TYR A 326 9.06 21.07 -1.90
CA TYR A 326 9.04 20.56 -0.53
C TYR A 326 8.16 21.42 0.36
N SER A 327 7.58 22.51 -0.15
CA SER A 327 6.80 23.39 0.69
C SER A 327 5.42 22.81 0.98
N ALA A 328 4.86 23.21 2.13
CA ALA A 328 3.57 22.68 2.57
C ALA A 328 2.43 23.20 1.71
N LYS A 329 1.50 22.30 1.37
CA LYS A 329 0.29 22.65 0.65
C LYS A 329 -0.83 23.00 1.61
N PRO A 330 -1.93 23.58 1.09
CA PRO A 330 -3.16 23.65 1.90
C PRO A 330 -3.55 22.31 2.48
N ALA A 331 -3.37 21.22 1.73
CA ALA A 331 -3.65 19.88 2.22
C ALA A 331 -2.88 19.57 3.49
N TYR A 332 -1.59 19.92 3.51
CA TYR A 332 -0.80 19.69 4.72
C TYR A 332 -1.43 20.36 5.93
N TRP A 333 -1.71 21.65 5.84
CA TRP A 333 -2.28 22.37 6.97
C TRP A 333 -3.64 21.83 7.38
N ALA A 334 -4.43 21.34 6.42
CA ALA A 334 -5.71 20.71 6.73
C ALA A 334 -5.52 19.43 7.55
N VAL A 335 -4.50 18.64 7.22
CA VAL A 335 -4.27 17.40 7.96
C VAL A 335 -3.77 17.73 9.37
N ILE A 336 -2.94 18.77 9.50
CA ILE A 336 -2.50 19.19 10.83
C ILE A 336 -3.69 19.71 11.63
N GLU A 337 -4.52 20.53 11.00
CA GLU A 337 -5.72 21.05 11.65
C GLU A 337 -6.63 19.93 12.12
N ALA A 338 -6.81 18.89 11.32
CA ALA A 338 -7.68 17.79 11.74
C ALA A 338 -7.14 17.02 12.94
N SER A 339 -5.84 17.07 13.20
CA SER A 339 -5.23 16.27 14.25
C SER A 339 -5.65 16.86 15.59
#